data_2A6R
#
_entry.id   2A6R
#
_cell.length_a   163.898
_cell.length_b   43.138
_cell.length_c   89.367
_cell.angle_alpha   90.00
_cell.angle_beta   118.49
_cell.angle_gamma   90.00
#
_symmetry.space_group_name_H-M   'C 1 2 1'
#
loop_
_entity.id
_entity.type
_entity.pdbx_description
1 polymer 'Toxin yoeB'
2 non-polymer 'MAGNESIUM ION'
3 water water
#
_entity_poly.entity_id   1
_entity_poly.type   'polypeptide(L)'
_entity_poly.pdbx_seq_one_letter_code
;MKLIWSEESWDDYLYWQETDKRIVKKINELIKDTRRTPFEGKGKPEPLKHNLSGFWSRRITEEHRLVYAVTDDSLLIAAC
RYHY
;
_entity_poly.pdbx_strand_id   A,B,C,D,E,F
#
loop_
_chem_comp.id
_chem_comp.type
_chem_comp.name
_chem_comp.formula
MG non-polymer 'MAGNESIUM ION' 'Mg 2'
#
# COMPACT_ATOMS: atom_id res chain seq x y z
N MET A 1 6.11 -8.21 -16.63
CA MET A 1 5.28 -9.07 -17.50
C MET A 1 4.14 -9.67 -16.67
N LYS A 2 2.90 -9.39 -17.07
CA LYS A 2 1.76 -9.92 -16.34
C LYS A 2 1.53 -11.37 -16.73
N LEU A 3 1.02 -12.15 -15.78
CA LEU A 3 0.75 -13.56 -16.01
C LEU A 3 -0.75 -13.76 -16.18
N ILE A 4 -1.16 -14.26 -17.34
CA ILE A 4 -2.57 -14.44 -17.64
C ILE A 4 -2.96 -15.91 -17.78
N TRP A 5 -3.92 -16.35 -16.95
CA TRP A 5 -4.38 -17.73 -17.02
C TRP A 5 -5.75 -17.81 -17.66
N SER A 6 -5.91 -18.70 -18.63
CA SER A 6 -7.21 -18.91 -19.24
C SER A 6 -7.98 -19.62 -18.13
N GLU A 7 -9.30 -19.61 -18.19
CA GLU A 7 -10.09 -20.27 -17.17
C GLU A 7 -9.72 -21.75 -17.05
N GLU A 8 -9.53 -22.41 -18.19
CA GLU A 8 -9.17 -23.82 -18.18
C GLU A 8 -7.78 -24.07 -17.59
N SER A 9 -6.80 -23.23 -17.93
CA SER A 9 -5.45 -23.43 -17.40
C SER A 9 -5.39 -23.20 -15.90
N TRP A 10 -6.20 -22.28 -15.37
CA TRP A 10 -6.18 -22.06 -13.93
C TRP A 10 -6.76 -23.31 -13.26
N ASP A 11 -7.79 -23.89 -13.85
CA ASP A 11 -8.36 -25.12 -13.30
C ASP A 11 -7.31 -26.23 -13.32
N ASP A 12 -6.52 -26.30 -14.39
CA ASP A 12 -5.45 -27.29 -14.53
C ASP A 12 -4.48 -27.13 -13.36
N TYR A 13 -4.06 -25.90 -13.15
CA TYR A 13 -3.11 -25.54 -12.10
C TYR A 13 -3.65 -25.91 -10.71
N LEU A 14 -4.94 -25.63 -10.48
CA LEU A 14 -5.58 -25.96 -9.21
C LEU A 14 -5.58 -27.49 -9.05
N TYR A 15 -5.86 -28.19 -10.14
CA TYR A 15 -5.88 -29.65 -10.13
C TYR A 15 -4.52 -30.13 -9.60
N TRP A 16 -3.44 -29.58 -10.14
CA TRP A 16 -2.10 -29.98 -9.71
C TRP A 16 -1.84 -29.65 -8.24
N GLN A 17 -2.35 -28.51 -7.78
CA GLN A 17 -2.17 -28.14 -6.37
C GLN A 17 -2.82 -29.18 -5.46
N GLU A 18 -3.88 -29.80 -5.93
CA GLU A 18 -4.56 -30.81 -5.13
C GLU A 18 -4.25 -32.24 -5.58
N THR A 19 -3.22 -32.40 -6.41
CA THR A 19 -2.85 -33.72 -6.90
C THR A 19 -1.36 -34.01 -6.79
N ASP A 20 -0.53 -33.08 -7.27
CA ASP A 20 0.90 -33.30 -7.25
C ASP A 20 1.66 -32.00 -7.07
N LYS A 21 2.18 -31.77 -5.87
CA LYS A 21 2.91 -30.56 -5.56
C LYS A 21 4.20 -30.37 -6.35
N ARG A 22 4.85 -31.47 -6.74
CA ARG A 22 6.10 -31.34 -7.50
C ARG A 22 5.81 -30.84 -8.91
N ILE A 23 4.63 -31.16 -9.43
CA ILE A 23 4.24 -30.71 -10.77
C ILE A 23 3.97 -29.20 -10.67
N VAL A 24 3.39 -28.77 -9.55
CA VAL A 24 3.11 -27.35 -9.32
C VAL A 24 4.45 -26.61 -9.32
N LYS A 25 5.43 -27.15 -8.61
CA LYS A 25 6.74 -26.52 -8.54
C LYS A 25 7.41 -26.42 -9.90
N LYS A 26 7.26 -27.45 -10.74
CA LYS A 26 7.84 -27.46 -12.08
C LYS A 26 7.13 -26.40 -12.94
N ILE A 27 5.81 -26.30 -12.82
CA ILE A 27 5.08 -25.29 -13.58
C ILE A 27 5.60 -23.91 -13.17
N ASN A 28 5.76 -23.70 -11.87
CA ASN A 28 6.28 -22.43 -11.38
C ASN A 28 7.69 -22.18 -11.93
N GLU A 29 8.51 -23.22 -11.95
CA GLU A 29 9.87 -23.10 -12.45
C GLU A 29 9.87 -22.73 -13.93
N LEU A 30 8.98 -23.35 -14.70
CA LEU A 30 8.89 -23.05 -16.13
C LEU A 30 8.43 -21.62 -16.37
N ILE A 31 7.44 -21.16 -15.61
CA ILE A 31 6.95 -19.79 -15.76
C ILE A 31 8.05 -18.78 -15.47
N LYS A 32 8.81 -19.01 -14.40
CA LYS A 32 9.89 -18.12 -14.02
C LYS A 32 10.98 -18.09 -15.10
N ASP A 33 11.29 -19.25 -15.67
CA ASP A 33 12.30 -19.33 -16.73
C ASP A 33 11.80 -18.62 -17.97
N THR A 34 10.51 -18.79 -18.27
CA THR A 34 9.92 -18.16 -19.44
C THR A 34 10.01 -16.63 -19.33
N ARG A 35 9.87 -16.12 -18.10
CA ARG A 35 9.96 -14.68 -17.86
C ARG A 35 11.38 -14.23 -18.21
N ARG A 36 12.35 -15.11 -17.99
CA ARG A 36 13.75 -14.82 -18.27
C ARG A 36 14.07 -14.87 -19.76
N THR A 37 13.79 -16.02 -20.38
CA THR A 37 14.01 -16.24 -21.80
C THR A 37 12.73 -16.89 -22.33
N PRO A 38 11.83 -16.07 -22.92
CA PRO A 38 10.54 -16.50 -23.46
C PRO A 38 10.48 -17.73 -24.35
N PHE A 39 11.43 -17.85 -25.27
CA PHE A 39 11.42 -18.94 -26.22
C PHE A 39 12.56 -19.95 -26.17
N GLU A 40 13.25 -20.01 -25.03
CA GLU A 40 14.33 -20.96 -24.86
C GLU A 40 14.51 -21.30 -23.39
N GLY A 41 15.32 -22.31 -23.10
CA GLY A 41 15.55 -22.67 -21.72
C GLY A 41 14.91 -23.97 -21.24
N LYS A 42 14.45 -23.95 -20.00
CA LYS A 42 13.84 -25.12 -19.38
C LYS A 42 12.60 -25.67 -20.10
N GLY A 43 12.47 -27.00 -20.10
CA GLY A 43 11.32 -27.62 -20.73
C GLY A 43 11.40 -27.79 -22.24
N LYS A 44 12.57 -27.51 -22.83
CA LYS A 44 12.76 -27.66 -24.27
C LYS A 44 11.61 -26.99 -25.03
N PRO A 45 11.51 -25.65 -24.91
CA PRO A 45 10.49 -24.83 -25.56
C PRO A 45 10.37 -25.09 -27.06
N GLU A 46 9.16 -25.37 -27.55
CA GLU A 46 8.96 -25.58 -28.98
C GLU A 46 7.68 -24.89 -29.45
N PRO A 47 7.71 -24.28 -30.65
CA PRO A 47 6.54 -23.59 -31.19
C PRO A 47 5.51 -24.58 -31.72
N LEU A 48 4.25 -24.34 -31.41
CA LEU A 48 3.17 -25.21 -31.85
C LEU A 48 2.67 -24.75 -33.21
N LYS A 49 2.01 -25.67 -33.92
CA LYS A 49 1.52 -25.38 -35.27
C LYS A 49 0.02 -25.59 -35.46
N HIS A 50 -0.41 -25.33 -36.69
CA HIS A 50 -1.81 -25.49 -37.08
C HIS A 50 -2.78 -24.73 -36.19
N ASN A 51 -3.75 -25.41 -35.60
CA ASN A 51 -4.74 -24.74 -34.76
C ASN A 51 -4.10 -24.05 -33.55
N LEU A 52 -2.90 -24.47 -33.18
CA LEU A 52 -2.22 -23.88 -32.04
C LEU A 52 -1.08 -22.94 -32.44
N SER A 53 -1.04 -22.56 -33.71
CA SER A 53 -0.02 -21.65 -34.20
C SER A 53 -0.04 -20.39 -33.35
N GLY A 54 1.13 -19.90 -32.96
CA GLY A 54 1.17 -18.71 -32.13
C GLY A 54 1.49 -19.08 -30.68
N PHE A 55 1.31 -20.35 -30.34
CA PHE A 55 1.60 -20.80 -28.99
C PHE A 55 2.89 -21.59 -28.91
N TRP A 56 3.37 -21.76 -27.69
CA TRP A 56 4.59 -22.50 -27.42
C TRP A 56 4.29 -23.57 -26.38
N SER A 57 5.17 -24.57 -26.30
CA SER A 57 4.99 -25.66 -25.36
C SER A 57 6.30 -26.08 -24.70
N ARG A 58 6.27 -26.20 -23.38
CA ARG A 58 7.42 -26.62 -22.59
C ARG A 58 7.03 -27.88 -21.83
N ARG A 59 7.99 -28.77 -21.63
CA ARG A 59 7.74 -30.02 -20.92
C ARG A 59 7.65 -29.89 -19.41
N ILE A 60 6.54 -30.36 -18.85
CA ILE A 60 6.37 -30.41 -17.40
C ILE A 60 6.80 -31.87 -17.18
N THR A 61 6.16 -32.76 -17.94
CA THR A 61 6.47 -34.19 -17.95
C THR A 61 6.23 -34.66 -19.40
N GLU A 62 6.39 -35.95 -19.66
CA GLU A 62 6.15 -36.43 -21.02
C GLU A 62 4.68 -36.23 -21.38
N GLU A 63 3.79 -36.54 -20.44
CA GLU A 63 2.35 -36.42 -20.68
C GLU A 63 1.79 -35.00 -20.56
N HIS A 64 2.42 -34.19 -19.71
CA HIS A 64 1.94 -32.83 -19.46
C HIS A 64 2.86 -31.72 -19.92
N ARG A 65 2.29 -30.76 -20.64
CA ARG A 65 3.06 -29.64 -21.17
C ARG A 65 2.45 -28.30 -20.79
N LEU A 66 3.31 -27.29 -20.67
CA LEU A 66 2.86 -25.94 -20.37
C LEU A 66 2.70 -25.27 -21.74
N VAL A 67 1.46 -24.98 -22.12
CA VAL A 67 1.17 -24.33 -23.40
C VAL A 67 0.98 -22.84 -23.14
N TYR A 68 1.77 -22.01 -23.82
CA TYR A 68 1.69 -20.57 -23.56
C TYR A 68 1.96 -19.69 -24.78
N ALA A 69 1.81 -18.39 -24.59
CA ALA A 69 2.04 -17.39 -25.63
C ALA A 69 2.64 -16.14 -24.98
N VAL A 70 3.57 -15.49 -25.67
CA VAL A 70 4.20 -14.31 -25.12
C VAL A 70 4.03 -13.07 -26.00
N THR A 71 3.51 -12.00 -25.39
CA THR A 71 3.31 -10.74 -26.09
C THR A 71 4.31 -9.75 -25.49
N ASP A 72 4.25 -8.50 -25.94
CA ASP A 72 5.18 -7.49 -25.46
C ASP A 72 5.06 -7.18 -23.98
N ASP A 73 3.93 -7.55 -23.37
CA ASP A 73 3.75 -7.25 -21.94
C ASP A 73 3.11 -8.37 -21.14
N SER A 74 2.97 -9.55 -21.72
CA SER A 74 2.34 -10.62 -20.97
C SER A 74 2.64 -12.06 -21.39
N LEU A 75 2.52 -12.93 -20.40
CA LEU A 75 2.72 -14.37 -20.58
C LEU A 75 1.33 -14.97 -20.37
N LEU A 76 0.78 -15.53 -21.44
CA LEU A 76 -0.54 -16.15 -21.37
C LEU A 76 -0.42 -17.65 -21.28
N ILE A 77 -1.03 -18.24 -20.26
CA ILE A 77 -0.98 -19.69 -20.11
C ILE A 77 -2.29 -20.24 -20.65
N ALA A 78 -2.20 -21.07 -21.69
CA ALA A 78 -3.39 -21.64 -22.29
C ALA A 78 -3.78 -22.96 -21.63
N ALA A 79 -2.78 -23.71 -21.18
CA ALA A 79 -3.04 -24.99 -20.54
C ALA A 79 -1.79 -25.53 -19.86
N CYS A 80 -1.99 -26.37 -18.85
CA CYS A 80 -0.87 -26.99 -18.17
C CYS A 80 -1.23 -28.40 -17.70
N ARG A 81 -1.95 -29.12 -18.55
CA ARG A 81 -2.36 -30.50 -18.32
C ARG A 81 -2.50 -31.16 -19.69
N TYR A 82 -1.89 -32.33 -19.87
CA TYR A 82 -1.91 -33.03 -21.16
C TYR A 82 -1.10 -32.17 -22.14
N HIS A 83 -1.19 -32.43 -23.44
CA HIS A 83 -0.43 -31.63 -24.39
C HIS A 83 -1.05 -30.27 -24.73
N TYR A 84 -2.35 -30.15 -24.50
CA TYR A 84 -3.08 -28.91 -24.76
C TYR A 84 -4.53 -29.07 -24.35
N MET B 1 -13.80 -16.19 -16.91
CA MET B 1 -12.94 -15.03 -17.24
C MET B 1 -11.46 -15.32 -17.00
N LYS B 2 -10.60 -14.51 -17.62
CA LYS B 2 -9.16 -14.67 -17.48
C LYS B 2 -8.72 -14.20 -16.10
N LEU B 3 -7.68 -14.83 -15.57
CA LEU B 3 -7.15 -14.45 -14.27
C LEU B 3 -5.78 -13.84 -14.54
N ILE B 4 -5.62 -12.58 -14.20
CA ILE B 4 -4.38 -11.86 -14.46
C ILE B 4 -3.64 -11.47 -13.19
N TRP B 5 -2.34 -11.80 -13.15
CA TRP B 5 -1.49 -11.45 -12.00
C TRP B 5 -0.38 -10.49 -12.40
N SER B 6 -0.15 -9.47 -11.59
CA SER B 6 0.93 -8.54 -11.86
C SER B 6 2.16 -9.27 -11.33
N GLU B 7 3.36 -8.80 -11.65
CA GLU B 7 4.58 -9.45 -11.18
C GLU B 7 4.60 -9.52 -9.65
N GLU B 8 4.19 -8.42 -9.01
CA GLU B 8 4.17 -8.35 -7.56
C GLU B 8 3.16 -9.29 -6.91
N SER B 9 1.94 -9.35 -7.42
CA SER B 9 0.95 -10.23 -6.81
C SER B 9 1.31 -11.69 -7.05
N TRP B 10 1.93 -12.00 -8.18
CA TRP B 10 2.30 -13.40 -8.43
C TRP B 10 3.38 -13.77 -7.42
N ASP B 11 4.30 -12.86 -7.16
CA ASP B 11 5.35 -13.12 -6.17
C ASP B 11 4.72 -13.32 -4.78
N ASP B 12 3.68 -12.54 -4.48
CA ASP B 12 2.97 -12.65 -3.20
C ASP B 12 2.44 -14.08 -3.09
N TYR B 13 1.73 -14.51 -4.13
CA TYR B 13 1.14 -15.84 -4.20
C TYR B 13 2.22 -16.94 -4.05
N LEU B 14 3.35 -16.77 -4.74
CA LEU B 14 4.46 -17.72 -4.65
C LEU B 14 4.99 -17.78 -3.22
N TYR B 15 5.06 -16.63 -2.58
CA TYR B 15 5.52 -16.54 -1.20
C TYR B 15 4.62 -17.39 -0.30
N TRP B 16 3.31 -17.29 -0.50
CA TRP B 16 2.37 -18.04 0.32
C TRP B 16 2.49 -19.55 0.08
N GLN B 17 2.74 -19.95 -1.16
CA GLN B 17 2.90 -21.37 -1.47
C GLN B 17 4.08 -21.95 -0.69
N GLU B 18 5.07 -21.10 -0.43
CA GLU B 18 6.26 -21.50 0.31
C GLU B 18 6.13 -21.30 1.81
N THR B 19 5.23 -20.40 2.21
CA THR B 19 5.05 -20.04 3.60
C THR B 19 3.84 -20.58 4.38
N ASP B 20 2.67 -20.60 3.75
CA ASP B 20 1.47 -21.04 4.45
C ASP B 20 0.41 -21.53 3.47
N LYS B 21 0.33 -22.85 3.31
CA LYS B 21 -0.64 -23.47 2.41
C LYS B 21 -2.10 -23.08 2.69
N ARG B 22 -2.39 -22.73 3.93
CA ARG B 22 -3.75 -22.34 4.31
C ARG B 22 -4.11 -20.99 3.70
N ILE B 23 -3.12 -20.12 3.56
CA ILE B 23 -3.37 -18.80 2.96
C ILE B 23 -3.59 -18.97 1.47
N VAL B 24 -2.84 -19.88 0.87
CA VAL B 24 -2.96 -20.17 -0.55
C VAL B 24 -4.39 -20.68 -0.79
N LYS B 25 -4.85 -21.58 0.08
CA LYS B 25 -6.17 -22.14 -0.07
C LYS B 25 -7.25 -21.06 0.04
N LYS B 26 -7.09 -20.15 1.01
CA LYS B 26 -8.05 -19.07 1.19
C LYS B 26 -8.05 -18.19 -0.06
N ILE B 27 -6.86 -17.84 -0.55
CA ILE B 27 -6.77 -17.03 -1.77
C ILE B 27 -7.52 -17.72 -2.89
N ASN B 28 -7.24 -19.02 -3.10
CA ASN B 28 -7.92 -19.76 -4.17
C ASN B 28 -9.44 -19.75 -4.00
N GLU B 29 -9.91 -19.87 -2.76
CA GLU B 29 -11.34 -19.88 -2.46
C GLU B 29 -11.97 -18.52 -2.80
N LEU B 30 -11.29 -17.43 -2.45
CA LEU B 30 -11.78 -16.09 -2.74
C LEU B 30 -11.81 -15.87 -4.25
N ILE B 31 -10.78 -16.34 -4.95
CA ILE B 31 -10.73 -16.20 -6.40
C ILE B 31 -11.90 -16.98 -7.03
N LYS B 32 -12.11 -18.21 -6.57
CA LYS B 32 -13.20 -19.01 -7.09
C LYS B 32 -14.55 -18.30 -6.87
N ASP B 33 -14.75 -17.76 -5.68
CA ASP B 33 -15.99 -17.06 -5.36
C ASP B 33 -16.14 -15.81 -6.23
N THR B 34 -15.04 -15.09 -6.42
CA THR B 34 -15.06 -13.88 -7.24
C THR B 34 -15.44 -14.16 -8.69
N ARG B 35 -15.04 -15.32 -9.22
CA ARG B 35 -15.38 -15.72 -10.59
C ARG B 35 -16.88 -15.88 -10.72
N ARG B 36 -17.48 -16.38 -9.64
CA ARG B 36 -18.92 -16.61 -9.59
C ARG B 36 -19.67 -15.28 -9.52
N THR B 37 -19.37 -14.51 -8.47
CA THR B 37 -19.97 -13.21 -8.23
C THR B 37 -18.84 -12.26 -7.84
N PRO B 38 -18.28 -11.57 -8.84
CA PRO B 38 -17.17 -10.62 -8.69
C PRO B 38 -17.24 -9.62 -7.55
N PHE B 39 -18.44 -9.13 -7.23
CA PHE B 39 -18.53 -8.13 -6.17
C PHE B 39 -19.33 -8.57 -4.94
N GLU B 40 -19.61 -9.87 -4.84
CA GLU B 40 -20.40 -10.39 -3.73
C GLU B 40 -19.77 -11.63 -3.11
N GLY B 41 -20.30 -12.04 -1.96
CA GLY B 41 -19.81 -13.26 -1.34
C GLY B 41 -18.78 -13.24 -0.24
N LYS B 42 -17.87 -14.21 -0.33
CA LYS B 42 -16.83 -14.42 0.66
C LYS B 42 -15.82 -13.29 0.80
N GLY B 43 -15.42 -13.05 2.04
CA GLY B 43 -14.42 -12.03 2.29
C GLY B 43 -14.91 -10.60 2.36
N LYS B 44 -16.24 -10.40 2.40
CA LYS B 44 -16.82 -9.07 2.49
C LYS B 44 -16.25 -8.15 1.41
N PRO B 45 -16.58 -8.42 0.15
CA PRO B 45 -16.07 -7.59 -0.96
C PRO B 45 -16.49 -6.14 -0.83
N GLU B 46 -15.53 -5.22 -0.93
CA GLU B 46 -15.85 -3.80 -0.84
C GLU B 46 -14.99 -2.97 -1.81
N PRO B 47 -15.58 -1.89 -2.36
CA PRO B 47 -14.92 -0.99 -3.29
C PRO B 47 -13.86 -0.14 -2.58
N LEU B 48 -12.68 -0.05 -3.15
CA LEU B 48 -11.64 0.76 -2.53
C LEU B 48 -11.79 2.20 -3.04
N LYS B 49 -11.13 3.13 -2.37
CA LYS B 49 -11.25 4.54 -2.74
C LYS B 49 -9.93 5.24 -2.94
N HIS B 50 -10.03 6.49 -3.39
CA HIS B 50 -8.89 7.36 -3.64
C HIS B 50 -7.81 6.70 -4.49
N ASN B 51 -6.61 6.59 -3.94
CA ASN B 51 -5.49 5.98 -4.66
C ASN B 51 -5.82 4.61 -5.23
N LEU B 52 -6.74 3.90 -4.58
CA LEU B 52 -7.11 2.57 -5.06
C LEU B 52 -8.48 2.53 -5.72
N SER B 53 -8.98 3.69 -6.11
CA SER B 53 -10.29 3.76 -6.78
C SER B 53 -10.20 2.86 -8.01
N GLY B 54 -11.23 2.06 -8.24
CA GLY B 54 -11.23 1.15 -9.37
C GLY B 54 -10.99 -0.29 -8.93
N PHE B 55 -10.45 -0.47 -7.73
CA PHE B 55 -10.18 -1.82 -7.22
C PHE B 55 -11.16 -2.22 -6.12
N TRP B 56 -11.26 -3.53 -5.90
CA TRP B 56 -12.11 -4.07 -4.85
C TRP B 56 -11.20 -4.91 -3.94
N SER B 57 -11.67 -5.15 -2.72
CA SER B 57 -10.92 -5.91 -1.74
C SER B 57 -11.76 -6.94 -1.00
N ARG B 58 -11.12 -8.07 -0.69
CA ARG B 58 -11.75 -9.15 0.06
C ARG B 58 -10.76 -9.54 1.15
N ARG B 59 -11.28 -9.94 2.30
CA ARG B 59 -10.43 -10.32 3.41
C ARG B 59 -9.87 -11.74 3.25
N ILE B 60 -8.56 -11.88 3.36
CA ILE B 60 -7.92 -13.20 3.31
C ILE B 60 -7.84 -13.56 4.79
N THR B 61 -7.29 -12.65 5.58
CA THR B 61 -7.19 -12.78 7.03
C THR B 61 -7.36 -11.35 7.53
N GLU B 62 -7.19 -11.14 8.84
CA GLU B 62 -7.31 -9.81 9.41
C GLU B 62 -6.23 -8.87 8.84
N GLU B 63 -5.04 -9.42 8.59
CA GLU B 63 -3.92 -8.62 8.09
C GLU B 63 -3.74 -8.58 6.57
N HIS B 64 -4.19 -9.62 5.87
CA HIS B 64 -4.00 -9.66 4.43
C HIS B 64 -5.28 -9.54 3.61
N ARG B 65 -5.18 -8.78 2.52
CA ARG B 65 -6.34 -8.57 1.65
C ARG B 65 -6.05 -8.92 0.19
N LEU B 66 -7.07 -9.43 -0.48
CA LEU B 66 -6.98 -9.75 -1.90
C LEU B 66 -7.50 -8.51 -2.61
N VAL B 67 -6.60 -7.77 -3.26
CA VAL B 67 -6.99 -6.56 -3.98
C VAL B 67 -7.06 -6.89 -5.46
N TYR B 68 -8.19 -6.56 -6.07
CA TYR B 68 -8.40 -6.90 -7.46
C TYR B 68 -9.27 -5.90 -8.21
N ALA B 69 -9.28 -6.05 -9.53
CA ALA B 69 -10.08 -5.20 -10.40
C ALA B 69 -10.78 -6.15 -11.35
N VAL B 70 -11.98 -5.77 -11.76
CA VAL B 70 -12.77 -6.62 -12.66
C VAL B 70 -13.09 -5.93 -13.98
N THR B 71 -12.88 -6.63 -15.10
CA THR B 71 -13.24 -6.08 -16.41
C THR B 71 -14.29 -7.03 -16.95
N ASP B 72 -14.81 -6.74 -18.13
CA ASP B 72 -15.84 -7.60 -18.71
C ASP B 72 -15.39 -9.03 -18.98
N ASP B 73 -14.09 -9.26 -19.10
CA ASP B 73 -13.60 -10.60 -19.38
C ASP B 73 -12.39 -11.01 -18.56
N SER B 74 -12.04 -10.23 -17.55
CA SER B 74 -10.88 -10.60 -16.75
C SER B 74 -10.93 -10.15 -15.30
N LEU B 75 -10.18 -10.87 -14.48
CA LEU B 75 -10.06 -10.60 -13.06
C LEU B 75 -8.57 -10.34 -12.86
N LEU B 76 -8.24 -9.13 -12.44
CA LEU B 76 -6.86 -8.75 -12.21
C LEU B 76 -6.54 -8.73 -10.72
N ILE B 77 -5.55 -9.51 -10.32
CA ILE B 77 -5.14 -9.57 -8.93
C ILE B 77 -4.00 -8.57 -8.76
N ALA B 78 -4.25 -7.53 -7.99
CA ALA B 78 -3.26 -6.49 -7.77
C ALA B 78 -2.39 -6.81 -6.58
N ALA B 79 -2.92 -7.57 -5.63
CA ALA B 79 -2.16 -7.94 -4.43
C ALA B 79 -2.89 -8.99 -3.61
N CYS B 80 -2.13 -9.78 -2.87
CA CYS B 80 -2.71 -10.81 -2.00
C CYS B 80 -1.89 -10.96 -0.73
N ARG B 81 -1.27 -9.85 -0.32
CA ARG B 81 -0.48 -9.80 0.90
C ARG B 81 -0.56 -8.37 1.45
N TYR B 82 -0.72 -8.25 2.77
CA TYR B 82 -0.86 -6.96 3.42
C TYR B 82 -2.19 -6.34 3.02
N HIS B 83 -2.42 -5.09 3.44
CA HIS B 83 -3.67 -4.41 3.11
C HIS B 83 -3.75 -3.98 1.65
N TYR B 84 -2.63 -4.01 0.94
CA TYR B 84 -2.58 -3.61 -0.47
C TYR B 84 -1.15 -3.66 -0.99
N MET C 1 30.73 -13.25 23.26
CA MET C 1 31.01 -12.11 22.33
C MET C 1 29.73 -11.37 21.96
N LYS C 2 29.78 -10.05 22.04
CA LYS C 2 28.62 -9.21 21.71
C LYS C 2 28.38 -9.19 20.20
N LEU C 3 27.10 -9.19 19.81
CA LEU C 3 26.72 -9.15 18.41
C LEU C 3 26.16 -7.75 18.16
N ILE C 4 26.83 -7.01 17.28
CA ILE C 4 26.45 -5.63 16.99
C ILE C 4 25.95 -5.44 15.55
N TRP C 5 24.77 -4.84 15.41
CA TRP C 5 24.21 -4.58 14.09
C TRP C 5 24.11 -3.08 13.81
N SER C 6 24.42 -2.68 12.58
CA SER C 6 24.29 -1.28 12.21
C SER C 6 22.81 -1.19 11.86
N GLU C 7 22.27 0.01 11.71
CA GLU C 7 20.86 0.16 11.37
C GLU C 7 20.56 -0.57 10.08
N GLU C 8 21.49 -0.47 9.13
CA GLU C 8 21.35 -1.11 7.82
C GLU C 8 21.29 -2.62 7.87
N SER C 9 22.26 -3.24 8.53
CA SER C 9 22.27 -4.69 8.61
C SER C 9 21.07 -5.21 9.40
N TRP C 10 20.60 -4.45 10.38
CA TRP C 10 19.44 -4.90 11.14
C TRP C 10 18.23 -4.87 10.22
N ASP C 11 18.14 -3.86 9.36
CA ASP C 11 17.02 -3.80 8.43
C ASP C 11 17.15 -4.94 7.40
N ASP C 12 18.37 -5.34 7.08
CA ASP C 12 18.57 -6.46 6.14
C ASP C 12 18.01 -7.73 6.77
N TYR C 13 18.38 -7.96 8.03
CA TYR C 13 17.96 -9.13 8.80
C TYR C 13 16.44 -9.19 8.95
N LEU C 14 15.83 -8.04 9.22
CA LEU C 14 14.37 -7.93 9.36
C LEU C 14 13.73 -8.21 8.01
N TYR C 15 14.35 -7.69 6.95
CA TYR C 15 13.86 -7.91 5.60
C TYR C 15 13.80 -9.42 5.35
N TRP C 16 14.86 -10.12 5.73
CA TRP C 16 14.90 -11.57 5.55
C TRP C 16 13.84 -12.29 6.38
N GLN C 17 13.54 -11.78 7.57
CA GLN C 17 12.52 -12.41 8.41
C GLN C 17 11.17 -12.36 7.67
N GLU C 18 10.94 -11.27 6.95
CA GLU C 18 9.70 -11.07 6.20
C GLU C 18 9.74 -11.72 4.82
N THR C 19 10.90 -12.14 4.37
CA THR C 19 11.03 -12.72 3.03
C THR C 19 11.32 -14.20 2.91
N ASP C 20 12.30 -14.70 3.66
CA ASP C 20 12.65 -16.12 3.58
C ASP C 20 13.35 -16.60 4.86
N LYS C 21 12.61 -17.36 5.68
CA LYS C 21 13.14 -17.88 6.93
C LYS C 21 14.36 -18.76 6.72
N ARG C 22 14.52 -19.27 5.50
CA ARG C 22 15.66 -20.12 5.18
C ARG C 22 16.94 -19.29 5.12
N ILE C 23 16.85 -18.07 4.62
CA ILE C 23 18.01 -17.19 4.56
C ILE C 23 18.35 -16.76 6.00
N VAL C 24 17.32 -16.51 6.79
CA VAL C 24 17.49 -16.13 8.18
C VAL C 24 18.27 -17.22 8.91
N LYS C 25 17.86 -18.47 8.71
CA LYS C 25 18.51 -19.61 9.33
C LYS C 25 19.98 -19.68 8.90
N LYS C 26 20.21 -19.45 7.61
CA LYS C 26 21.57 -19.49 7.06
C LYS C 26 22.42 -18.43 7.75
N ILE C 27 21.87 -17.23 7.85
CA ILE C 27 22.57 -16.12 8.50
C ILE C 27 22.84 -16.43 9.97
N ASN C 28 21.87 -17.04 10.65
CA ASN C 28 22.02 -17.39 12.06
C ASN C 28 23.16 -18.39 12.25
N GLU C 29 23.20 -19.42 11.41
CA GLU C 29 24.23 -20.43 11.50
C GLU C 29 25.62 -19.87 11.16
N LEU C 30 25.70 -18.93 10.24
CA LEU C 30 26.99 -18.33 9.90
C LEU C 30 27.46 -17.56 11.13
N ILE C 31 26.54 -16.84 11.77
CA ILE C 31 26.88 -16.06 12.96
C ILE C 31 27.34 -16.98 14.08
N LYS C 32 26.66 -18.10 14.26
CA LYS C 32 27.02 -19.04 15.29
C LYS C 32 28.42 -19.62 15.02
N ASP C 33 28.72 -19.87 13.75
CA ASP C 33 30.02 -20.43 13.38
C ASP C 33 31.12 -19.39 13.60
N THR C 34 30.82 -18.13 13.27
CA THR C 34 31.75 -17.03 13.41
C THR C 34 32.13 -16.84 14.89
N ARG C 35 31.17 -17.07 15.78
CA ARG C 35 31.42 -16.94 17.21
C ARG C 35 32.47 -17.96 17.64
N ARG C 36 32.40 -19.15 17.07
CA ARG C 36 33.32 -20.23 17.40
C ARG C 36 34.70 -19.96 16.81
N THR C 37 34.75 -19.73 15.50
CA THR C 37 36.00 -19.43 14.79
C THR C 37 35.71 -18.27 13.82
N PRO C 38 35.92 -17.03 14.27
CA PRO C 38 35.70 -15.79 13.51
C PRO C 38 36.13 -15.73 12.05
N PHE C 39 37.32 -16.26 11.74
CA PHE C 39 37.84 -16.20 10.38
C PHE C 39 37.96 -17.55 9.69
N GLU C 40 37.27 -18.54 10.23
CA GLU C 40 37.30 -19.89 9.69
C GLU C 40 35.90 -20.50 9.63
N GLY C 41 35.75 -21.55 8.84
CA GLY C 41 34.47 -22.24 8.78
C GLY C 41 33.57 -22.07 7.57
N LYS C 42 32.26 -22.23 7.83
CA LYS C 42 31.24 -22.12 6.80
C LYS C 42 31.22 -20.79 6.07
N GLY C 43 30.78 -20.83 4.81
CA GLY C 43 30.69 -19.61 4.01
C GLY C 43 32.01 -19.13 3.43
N LYS C 44 33.05 -19.95 3.54
CA LYS C 44 34.36 -19.59 3.01
C LYS C 44 34.73 -18.17 3.39
N PRO C 45 35.03 -17.93 4.68
CA PRO C 45 35.41 -16.61 5.19
C PRO C 45 36.67 -16.07 4.54
N GLU C 46 36.68 -14.79 4.21
CA GLU C 46 37.85 -14.18 3.62
C GLU C 46 37.85 -12.68 3.81
N PRO C 47 39.04 -12.06 3.87
CA PRO C 47 39.18 -10.62 4.05
C PRO C 47 38.66 -9.88 2.83
N LEU C 48 38.04 -8.73 3.05
CA LEU C 48 37.55 -7.92 1.94
C LEU C 48 38.58 -6.84 1.69
N LYS C 49 38.55 -6.24 0.50
CA LYS C 49 39.49 -5.18 0.15
C LYS C 49 38.72 -3.94 -0.31
N HIS C 50 39.40 -3.06 -1.02
CA HIS C 50 38.79 -1.84 -1.53
C HIS C 50 38.36 -0.91 -0.40
N ASN C 51 37.05 -0.67 -0.29
CA ASN C 51 36.53 0.20 0.75
C ASN C 51 36.02 -0.59 1.96
N LEU C 52 36.20 -1.91 1.92
CA LEU C 52 35.75 -2.76 3.02
C LEU C 52 36.93 -3.41 3.75
N SER C 53 38.10 -2.80 3.61
CA SER C 53 39.30 -3.31 4.27
C SER C 53 39.07 -3.33 5.78
N GLY C 54 39.34 -4.47 6.40
CA GLY C 54 39.14 -4.61 7.84
C GLY C 54 37.96 -5.52 8.12
N PHE C 55 37.11 -5.70 7.12
CA PHE C 55 35.95 -6.56 7.26
C PHE C 55 36.17 -7.89 6.57
N TRP C 56 35.39 -8.88 6.99
CA TRP C 56 35.47 -10.20 6.39
C TRP C 56 34.11 -10.51 5.79
N SER C 57 34.04 -11.56 5.00
CA SER C 57 32.79 -11.90 4.34
C SER C 57 32.59 -13.41 4.23
N ARG C 58 31.34 -13.83 4.36
CA ARG C 58 30.98 -15.23 4.24
C ARG C 58 29.80 -15.32 3.30
N ARG C 59 29.66 -16.46 2.64
CA ARG C 59 28.59 -16.68 1.68
C ARG C 59 27.28 -17.16 2.30
N ILE C 60 26.24 -16.37 2.14
CA ILE C 60 24.90 -16.76 2.63
C ILE C 60 24.35 -17.54 1.44
N THR C 61 24.48 -16.95 0.26
CA THR C 61 24.07 -17.55 -1.01
C THR C 61 25.06 -16.94 -2.00
N GLU C 62 24.96 -17.31 -3.27
CA GLU C 62 25.88 -16.75 -4.25
C GLU C 62 25.67 -15.24 -4.33
N GLU C 63 24.41 -14.84 -4.24
CA GLU C 63 24.02 -13.43 -4.32
C GLU C 63 24.22 -12.60 -3.05
N HIS C 64 23.95 -13.20 -1.89
CA HIS C 64 24.08 -12.45 -0.65
C HIS C 64 25.25 -12.83 0.24
N ARG C 65 25.89 -11.81 0.79
CA ARG C 65 27.05 -11.96 1.66
C ARG C 65 26.84 -11.39 3.05
N LEU C 66 27.48 -12.01 4.03
CA LEU C 66 27.42 -11.54 5.41
C LEU C 66 28.74 -10.81 5.59
N VAL C 67 28.66 -9.48 5.75
CA VAL C 67 29.86 -8.68 5.93
C VAL C 67 30.01 -8.33 7.40
N TYR C 68 31.20 -8.56 7.94
CA TYR C 68 31.44 -8.30 9.36
C TYR C 68 32.88 -8.01 9.73
N ALA C 69 33.06 -7.50 10.95
CA ALA C 69 34.37 -7.18 11.47
C ALA C 69 34.40 -7.76 12.88
N VAL C 70 35.58 -8.12 13.35
CA VAL C 70 35.73 -8.72 14.68
C VAL C 70 36.69 -7.95 15.58
N THR C 71 36.31 -7.80 16.84
CA THR C 71 37.16 -7.13 17.82
C THR C 71 37.35 -8.11 18.96
N ASP C 72 38.04 -7.68 20.01
CA ASP C 72 38.29 -8.54 21.16
C ASP C 72 37.03 -9.14 21.77
N ASP C 73 36.00 -8.32 21.93
CA ASP C 73 34.77 -8.78 22.55
C ASP C 73 33.50 -8.65 21.72
N SER C 74 33.61 -8.35 20.43
CA SER C 74 32.40 -8.21 19.64
C SER C 74 32.50 -8.53 18.17
N LEU C 75 31.34 -8.90 17.62
CA LEU C 75 31.18 -9.24 16.22
C LEU C 75 30.28 -8.16 15.62
N LEU C 76 30.81 -7.39 14.68
CA LEU C 76 30.09 -6.31 14.04
C LEU C 76 29.57 -6.73 12.68
N ILE C 77 28.26 -6.65 12.48
CA ILE C 77 27.65 -7.03 11.22
C ILE C 77 27.38 -5.78 10.39
N ALA C 78 28.07 -5.65 9.27
CA ALA C 78 27.90 -4.49 8.38
C ALA C 78 26.76 -4.71 7.41
N ALA C 79 26.51 -5.97 7.05
CA ALA C 79 25.44 -6.28 6.13
C ALA C 79 25.21 -7.78 5.98
N CYS C 80 24.01 -8.14 5.52
CA CYS C 80 23.66 -9.52 5.29
C CYS C 80 22.70 -9.62 4.12
N ARG C 81 22.92 -8.76 3.12
CA ARG C 81 22.11 -8.72 1.91
C ARG C 81 22.95 -8.12 0.79
N TYR C 82 22.91 -8.74 -0.39
CA TYR C 82 23.67 -8.28 -1.55
C TYR C 82 25.16 -8.53 -1.35
N HIS C 83 25.98 -7.67 -1.96
CA HIS C 83 27.43 -7.74 -1.85
C HIS C 83 28.04 -6.48 -2.48
N MET D 1 20.98 4.25 15.78
CA MET D 1 21.68 3.54 16.89
C MET D 1 22.12 2.14 16.49
N LYS D 2 23.23 1.70 17.08
CA LYS D 2 23.74 0.37 16.84
C LYS D 2 22.95 -0.54 17.78
N LEU D 3 22.62 -1.74 17.32
CA LEU D 3 21.87 -2.70 18.12
C LEU D 3 22.84 -3.76 18.61
N ILE D 4 23.04 -3.84 19.91
CA ILE D 4 23.99 -4.78 20.49
C ILE D 4 23.34 -5.85 21.35
N TRP D 5 23.63 -7.11 21.03
CA TRP D 5 23.09 -8.21 21.79
C TRP D 5 24.18 -8.88 22.60
N SER D 6 23.91 -9.15 23.87
CA SER D 6 24.87 -9.85 24.70
C SER D 6 24.75 -11.29 24.22
N GLU D 7 25.70 -12.15 24.57
CA GLU D 7 25.63 -13.54 24.12
C GLU D 7 24.34 -14.20 24.57
N GLU D 8 23.95 -13.92 25.82
CA GLU D 8 22.76 -14.49 26.40
C GLU D 8 21.45 -14.01 25.75
N SER D 9 21.34 -12.71 25.49
CA SER D 9 20.12 -12.19 24.88
C SER D 9 19.98 -12.66 23.44
N TRP D 10 21.09 -12.78 22.71
CA TRP D 10 20.99 -13.27 21.35
C TRP D 10 20.47 -14.71 21.39
N ASP D 11 20.98 -15.50 22.33
CA ASP D 11 20.51 -16.89 22.45
C ASP D 11 19.00 -16.87 22.75
N ASP D 12 18.56 -15.94 23.59
CA ASP D 12 17.13 -15.81 23.94
C ASP D 12 16.32 -15.55 22.67
N TYR D 13 16.80 -14.62 21.86
CA TYR D 13 16.12 -14.24 20.62
C TYR D 13 16.03 -15.42 19.66
N LEU D 14 17.13 -16.18 19.55
CA LEU D 14 17.15 -17.37 18.68
C LEU D 14 16.11 -18.37 19.17
N TYR D 15 16.05 -18.57 20.49
CA TYR D 15 15.09 -19.48 21.09
C TYR D 15 13.67 -19.10 20.65
N TRP D 16 13.36 -17.81 20.69
CA TRP D 16 12.05 -17.35 20.29
C TRP D 16 11.78 -17.62 18.81
N GLN D 17 12.82 -17.55 17.99
CA GLN D 17 12.65 -17.81 16.56
C GLN D 17 12.27 -19.28 16.36
N GLU D 18 12.73 -20.15 17.25
CA GLU D 18 12.41 -21.56 17.15
C GLU D 18 11.13 -21.87 17.92
N THR D 19 10.71 -20.97 18.79
CA THR D 19 9.54 -21.22 19.64
C THR D 19 8.24 -20.51 19.36
N ASP D 20 8.26 -19.20 19.16
CA ASP D 20 7.03 -18.46 18.91
C ASP D 20 7.27 -17.19 18.09
N LYS D 21 6.78 -17.19 16.86
CA LYS D 21 6.95 -16.03 15.97
C LYS D 21 6.33 -14.74 16.52
N ARG D 22 5.28 -14.86 17.31
CA ARG D 22 4.64 -13.68 17.88
C ARG D 22 5.56 -12.94 18.84
N ILE D 23 6.32 -13.70 19.62
CA ILE D 23 7.25 -13.10 20.57
C ILE D 23 8.37 -12.39 19.80
N VAL D 24 8.84 -13.00 18.72
CA VAL D 24 9.88 -12.37 17.91
C VAL D 24 9.37 -11.04 17.37
N LYS D 25 8.16 -11.04 16.80
CA LYS D 25 7.60 -9.80 16.26
C LYS D 25 7.49 -8.73 17.33
N LYS D 26 7.04 -9.12 18.52
CA LYS D 26 6.91 -8.17 19.63
C LYS D 26 8.28 -7.59 20.02
N ILE D 27 9.30 -8.44 20.07
CA ILE D 27 10.63 -7.94 20.41
C ILE D 27 11.07 -6.95 19.35
N ASN D 28 10.86 -7.32 18.09
CA ASN D 28 11.21 -6.45 16.97
C ASN D 28 10.46 -5.13 17.09
N GLU D 29 9.18 -5.21 17.40
CA GLU D 29 8.35 -4.02 17.54
C GLU D 29 8.87 -3.12 18.65
N LEU D 30 9.24 -3.72 19.79
CA LEU D 30 9.75 -2.96 20.92
C LEU D 30 11.10 -2.29 20.58
N ILE D 31 11.96 -3.01 19.87
CA ILE D 31 13.25 -2.46 19.48
C ILE D 31 13.06 -1.23 18.58
N LYS D 32 12.19 -1.38 17.58
CA LYS D 32 11.91 -0.29 16.65
C LYS D 32 11.39 0.93 17.40
N ASP D 33 10.44 0.72 18.31
CA ASP D 33 9.88 1.82 19.09
C ASP D 33 10.93 2.48 19.99
N THR D 34 11.81 1.66 20.56
CA THR D 34 12.87 2.16 21.44
C THR D 34 13.82 3.07 20.68
N ARG D 35 14.01 2.78 19.39
CA ARG D 35 14.89 3.63 18.57
C ARG D 35 14.23 5.01 18.48
N ARG D 36 12.91 5.01 18.37
CA ARG D 36 12.14 6.25 18.26
C ARG D 36 12.13 7.06 19.56
N THR D 37 11.64 6.45 20.63
CA THR D 37 11.58 7.07 21.95
C THR D 37 12.17 6.06 22.92
N PRO D 38 13.48 6.19 23.22
CA PRO D 38 14.21 5.29 24.13
C PRO D 38 13.58 4.97 25.48
N PHE D 39 13.10 5.99 26.16
CA PHE D 39 12.54 5.82 27.50
C PHE D 39 11.01 5.92 27.59
N GLU D 40 10.33 5.80 26.47
CA GLU D 40 8.88 5.89 26.46
C GLU D 40 8.24 5.14 25.31
N GLY D 41 6.94 4.86 25.42
CA GLY D 41 6.24 4.16 24.36
C GLY D 41 5.72 2.77 24.68
N LYS D 42 5.86 1.89 23.70
CA LYS D 42 5.41 0.50 23.78
C LYS D 42 6.08 -0.32 24.89
N GLY D 43 5.29 -1.20 25.50
CA GLY D 43 5.79 -2.06 26.55
C GLY D 43 5.96 -1.40 27.91
N LYS D 44 5.32 -0.25 28.11
CA LYS D 44 5.39 0.47 29.38
C LYS D 44 6.81 0.50 29.96
N PRO D 45 7.73 1.20 29.28
CA PRO D 45 9.13 1.32 29.70
C PRO D 45 9.28 1.82 31.14
N GLU D 46 10.12 1.15 31.91
CA GLU D 46 10.36 1.55 33.28
C GLU D 46 11.84 1.31 33.61
N PRO D 47 12.43 2.18 34.42
CA PRO D 47 13.84 2.01 34.77
C PRO D 47 14.01 0.97 35.86
N LEU D 48 15.01 0.11 35.72
CA LEU D 48 15.27 -0.92 36.73
C LEU D 48 16.08 -0.30 37.87
N LYS D 49 16.23 -1.02 38.98
CA LYS D 49 16.96 -0.46 40.10
C LYS D 49 17.96 -1.40 40.75
N HIS D 50 18.72 -0.87 41.71
CA HIS D 50 19.69 -1.64 42.46
C HIS D 50 20.79 -2.25 41.59
N ASN D 51 20.90 -3.57 41.63
CA ASN D 51 21.91 -4.27 40.84
C ASN D 51 21.66 -4.11 39.35
N LEU D 52 20.48 -3.61 38.99
CA LEU D 52 20.14 -3.41 37.58
C LEU D 52 19.97 -1.94 37.22
N SER D 53 20.48 -1.05 38.07
CA SER D 53 20.40 0.37 37.79
C SER D 53 21.17 0.61 36.51
N GLY D 54 20.63 1.44 35.63
CA GLY D 54 21.28 1.71 34.36
C GLY D 54 20.53 1.01 33.24
N PHE D 55 19.72 0.02 33.60
CA PHE D 55 18.96 -0.72 32.61
C PHE D 55 17.48 -0.34 32.65
N TRP D 56 16.80 -0.55 31.53
CA TRP D 56 15.38 -0.27 31.42
C TRP D 56 14.67 -1.55 31.00
N SER D 57 13.37 -1.62 31.24
CA SER D 57 12.60 -2.81 30.91
C SER D 57 11.27 -2.51 30.22
N ARG D 58 10.95 -3.29 29.21
CA ARG D 58 9.68 -3.14 28.50
C ARG D 58 9.03 -4.53 28.48
N ARG D 59 7.70 -4.53 28.49
CA ARG D 59 6.94 -5.77 28.49
C ARG D 59 6.79 -6.42 27.11
N ILE D 60 7.23 -7.67 27.00
CA ILE D 60 7.07 -8.41 25.76
C ILE D 60 5.72 -9.07 26.08
N THR D 61 5.64 -9.65 27.28
CA THR D 61 4.42 -10.27 27.81
C THR D 61 4.53 -10.07 29.31
N GLU D 62 3.56 -10.56 30.06
CA GLU D 62 3.59 -10.43 31.52
C GLU D 62 4.83 -11.15 32.06
N GLU D 63 5.14 -12.30 31.47
CA GLU D 63 6.26 -13.13 31.89
C GLU D 63 7.63 -12.77 31.33
N HIS D 64 7.68 -12.25 30.11
CA HIS D 64 8.96 -11.92 29.48
C HIS D 64 9.18 -10.44 29.24
N ARG D 65 10.36 -9.95 29.64
CA ARG D 65 10.68 -8.54 29.47
C ARG D 65 11.93 -8.30 28.65
N LEU D 66 11.94 -7.19 27.93
CA LEU D 66 13.07 -6.81 27.11
C LEU D 66 13.86 -5.87 28.02
N VAL D 67 15.02 -6.32 28.46
CA VAL D 67 15.86 -5.51 29.34
C VAL D 67 16.96 -4.90 28.46
N TYR D 68 17.14 -3.59 28.58
CA TYR D 68 18.11 -2.92 27.73
C TYR D 68 18.72 -1.68 28.34
N ALA D 69 19.77 -1.18 27.67
CA ALA D 69 20.46 0.01 28.14
C ALA D 69 20.72 0.88 26.91
N VAL D 70 20.72 2.19 27.12
CA VAL D 70 20.94 3.12 26.03
C VAL D 70 22.19 3.97 26.25
N THR D 71 23.06 4.02 25.24
CA THR D 71 24.27 4.83 25.31
C THR D 71 24.14 5.93 24.26
N ASP D 72 25.19 6.73 24.10
CA ASP D 72 25.15 7.82 23.13
C ASP D 72 24.84 7.38 21.71
N ASP D 73 25.20 6.14 21.36
CA ASP D 73 24.93 5.65 20.01
C ASP D 73 24.63 4.16 19.93
N SER D 74 24.25 3.55 21.05
CA SER D 74 23.95 2.13 21.05
C SER D 74 22.74 1.74 21.88
N LEU D 75 22.06 0.69 21.42
CA LEU D 75 20.92 0.14 22.14
C LEU D 75 21.40 -1.25 22.51
N LEU D 76 21.62 -1.46 23.80
CA LEU D 76 22.11 -2.76 24.27
C LEU D 76 20.97 -3.60 24.81
N ILE D 77 20.81 -4.80 24.27
CA ILE D 77 19.77 -5.71 24.74
C ILE D 77 20.46 -6.67 25.68
N ALA D 78 20.11 -6.58 26.97
CA ALA D 78 20.69 -7.44 27.99
C ALA D 78 19.97 -8.77 28.10
N ALA D 79 18.65 -8.76 27.90
CA ALA D 79 17.86 -9.99 27.99
C ALA D 79 16.50 -9.81 27.32
N CYS D 80 15.89 -10.91 26.87
CA CYS D 80 14.59 -10.85 26.24
C CYS D 80 13.78 -12.12 26.54
N ARG D 81 13.98 -12.67 27.74
CA ARG D 81 13.28 -13.86 28.20
C ARG D 81 13.22 -13.77 29.74
N TYR D 82 12.07 -14.08 30.31
CA TYR D 82 11.85 -13.99 31.76
C TYR D 82 11.94 -12.50 32.11
N HIS D 83 12.01 -12.17 33.40
CA HIS D 83 12.08 -10.77 33.80
C HIS D 83 13.47 -10.15 33.58
N TYR D 84 14.47 -11.01 33.38
CA TYR D 84 15.84 -10.62 33.11
C TYR D 84 16.81 -11.76 33.32
N MET E 1 -31.16 24.54 -5.28
CA MET E 1 -30.77 25.91 -5.71
C MET E 1 -29.27 25.98 -6.04
N LYS E 2 -28.87 27.10 -6.64
CA LYS E 2 -27.47 27.30 -7.02
C LYS E 2 -26.61 27.63 -5.80
N LEU E 3 -25.39 27.08 -5.77
CA LEU E 3 -24.47 27.33 -4.66
C LEU E 3 -23.37 28.26 -5.14
N ILE E 4 -23.39 29.50 -4.65
CA ILE E 4 -22.42 30.50 -5.05
C ILE E 4 -21.35 30.75 -3.98
N TRP E 5 -20.09 30.63 -4.37
CA TRP E 5 -18.98 30.88 -3.46
C TRP E 5 -18.26 32.16 -3.87
N SER E 6 -17.83 32.94 -2.89
CA SER E 6 -17.09 34.15 -3.19
C SER E 6 -15.67 33.64 -3.30
N GLU E 7 -14.78 34.40 -3.92
CA GLU E 7 -13.41 33.95 -4.05
C GLU E 7 -12.81 33.64 -2.69
N GLU E 8 -13.09 34.51 -1.72
CA GLU E 8 -12.58 34.34 -0.37
C GLU E 8 -13.13 33.09 0.31
N SER E 9 -14.44 32.89 0.22
CA SER E 9 -15.06 31.73 0.84
C SER E 9 -14.61 30.44 0.17
N TRP E 10 -14.38 30.48 -1.14
CA TRP E 10 -13.92 29.27 -1.82
C TRP E 10 -12.50 28.95 -1.39
N ASP E 11 -11.67 29.99 -1.25
CA ASP E 11 -10.29 29.78 -0.84
C ASP E 11 -10.26 29.25 0.59
N ASP E 12 -11.24 29.67 1.39
CA ASP E 12 -11.32 29.21 2.78
C ASP E 12 -11.74 27.75 2.80
N TYR E 13 -12.66 27.39 1.90
CA TYR E 13 -13.13 26.01 1.81
C TYR E 13 -11.97 25.13 1.35
N LEU E 14 -11.12 25.66 0.48
CA LEU E 14 -9.96 24.92 -0.01
C LEU E 14 -8.96 24.72 1.12
N TYR E 15 -8.80 25.74 1.95
CA TYR E 15 -7.88 25.66 3.09
C TYR E 15 -8.31 24.47 3.95
N TRP E 16 -9.60 24.44 4.28
CA TRP E 16 -10.15 23.36 5.09
C TRP E 16 -9.88 22.00 4.44
N GLN E 17 -9.95 21.95 3.11
CA GLN E 17 -9.69 20.71 2.39
C GLN E 17 -8.23 20.28 2.59
N GLU E 18 -7.38 21.25 2.88
CA GLU E 18 -5.95 20.98 3.08
C GLU E 18 -5.64 20.93 4.58
N THR E 19 -6.60 21.37 5.38
CA THR E 19 -6.42 21.42 6.83
C THR E 19 -7.10 20.28 7.60
N ASP E 20 -8.43 20.25 7.58
CA ASP E 20 -9.16 19.23 8.30
C ASP E 20 -10.42 18.74 7.58
N LYS E 21 -10.34 17.53 7.04
CA LYS E 21 -11.46 16.91 6.33
C LYS E 21 -12.74 16.93 7.16
N ARG E 22 -12.58 16.95 8.48
CA ARG E 22 -13.73 16.97 9.38
C ARG E 22 -14.53 18.26 9.22
N ILE E 23 -13.83 19.38 9.05
CA ILE E 23 -14.48 20.67 8.89
C ILE E 23 -15.19 20.77 7.54
N VAL E 24 -14.59 20.17 6.52
CA VAL E 24 -15.18 20.17 5.19
C VAL E 24 -16.55 19.50 5.28
N LYS E 25 -16.60 18.36 5.96
CA LYS E 25 -17.84 17.61 6.14
C LYS E 25 -18.90 18.45 6.85
N LYS E 26 -18.49 19.16 7.89
CA LYS E 26 -19.42 20.00 8.65
C LYS E 26 -20.01 21.10 7.78
N ILE E 27 -19.18 21.71 6.93
CA ILE E 27 -19.65 22.77 6.04
C ILE E 27 -20.65 22.19 5.04
N ASN E 28 -20.33 21.04 4.47
CA ASN E 28 -21.23 20.41 3.51
C ASN E 28 -22.55 20.08 4.21
N GLU E 29 -22.46 19.67 5.46
CA GLU E 29 -23.63 19.33 6.26
C GLU E 29 -24.51 20.56 6.48
N LEU E 30 -23.88 21.70 6.72
CA LEU E 30 -24.61 22.95 6.94
C LEU E 30 -25.26 23.47 5.65
N ILE E 31 -24.56 23.32 4.53
CA ILE E 31 -25.08 23.77 3.25
C ILE E 31 -26.30 22.94 2.88
N LYS E 32 -26.17 21.62 3.03
CA LYS E 32 -27.25 20.71 2.71
C LYS E 32 -28.52 21.06 3.49
N ASP E 33 -28.36 21.31 4.78
CA ASP E 33 -29.49 21.66 5.64
C ASP E 33 -30.05 23.05 5.33
N THR E 34 -29.18 23.96 4.92
CA THR E 34 -29.63 25.30 4.60
C THR E 34 -30.54 25.27 3.38
N ARG E 35 -30.26 24.37 2.45
CA ARG E 35 -31.08 24.23 1.24
C ARG E 35 -32.53 24.05 1.65
N ARG E 36 -32.77 23.19 2.64
CA ARG E 36 -34.12 22.93 3.13
C ARG E 36 -34.69 24.18 3.79
N THR E 37 -34.27 24.45 5.02
CA THR E 37 -34.73 25.62 5.76
C THR E 37 -33.62 26.66 5.82
N PRO E 38 -33.58 27.58 4.85
CA PRO E 38 -32.59 28.65 4.72
C PRO E 38 -32.31 29.46 5.98
N PHE E 39 -33.33 29.69 6.79
CA PHE E 39 -33.16 30.49 8.00
C PHE E 39 -33.50 29.76 9.29
N GLU E 40 -33.47 28.43 9.23
CA GLU E 40 -33.77 27.61 10.41
C GLU E 40 -32.92 26.33 10.39
N GLY E 41 -32.72 25.73 11.55
CA GLY E 41 -31.96 24.49 11.61
C GLY E 41 -30.62 24.49 12.30
N LYS E 42 -29.74 23.59 11.84
CA LYS E 42 -28.40 23.40 12.38
C LYS E 42 -27.52 24.64 12.32
N GLY E 43 -26.68 24.81 13.33
CA GLY E 43 -25.78 25.95 13.37
C GLY E 43 -26.41 27.17 14.02
N LYS E 44 -27.72 27.11 14.27
CA LYS E 44 -28.44 28.21 14.89
C LYS E 44 -28.37 29.47 14.02
N PRO E 45 -29.08 29.46 12.88
CA PRO E 45 -29.11 30.59 11.95
C PRO E 45 -29.46 31.90 12.65
N GLU E 46 -28.89 33.01 12.18
CA GLU E 46 -29.16 34.31 12.78
C GLU E 46 -28.63 35.46 11.91
N PRO E 47 -29.40 36.56 11.82
CA PRO E 47 -29.00 37.73 11.03
C PRO E 47 -27.72 38.33 11.58
N LEU E 48 -27.02 39.10 10.75
CA LEU E 48 -25.76 39.72 11.18
C LEU E 48 -25.90 41.24 11.29
N LYS E 49 -25.11 41.82 12.19
CA LYS E 49 -25.12 43.27 12.41
C LYS E 49 -24.78 43.99 11.11
N HIS E 50 -23.61 43.65 10.55
CA HIS E 50 -23.15 44.26 9.30
C HIS E 50 -24.01 43.73 8.14
N ASN E 51 -25.00 44.53 7.77
CA ASN E 51 -25.91 44.17 6.69
C ASN E 51 -25.41 44.65 5.33
N LEU E 52 -24.50 43.87 4.73
CA LEU E 52 -23.97 44.22 3.42
C LEU E 52 -25.12 44.18 2.42
N SER E 53 -26.18 43.47 2.80
CA SER E 53 -27.37 43.34 1.97
C SER E 53 -28.39 42.47 2.72
N GLY E 54 -27.90 41.70 3.70
CA GLY E 54 -28.77 40.84 4.47
C GLY E 54 -28.17 39.46 4.67
N PHE E 55 -27.05 39.39 5.39
CA PHE E 55 -26.36 38.14 5.65
C PHE E 55 -26.81 37.40 6.90
N TRP E 56 -26.74 36.07 6.83
CA TRP E 56 -27.09 35.22 7.95
C TRP E 56 -25.84 34.42 8.30
N SER E 57 -25.89 33.68 9.40
CA SER E 57 -24.72 32.91 9.82
C SER E 57 -25.06 31.66 10.61
N ARG E 58 -24.21 30.65 10.49
CA ARG E 58 -24.40 29.39 11.20
C ARG E 58 -23.06 28.94 11.78
N ARG E 59 -23.09 28.33 12.96
CA ARG E 59 -21.88 27.86 13.61
C ARG E 59 -21.30 26.63 12.92
N ILE E 60 -20.06 26.74 12.48
CA ILE E 60 -19.38 25.62 11.83
C ILE E 60 -18.69 24.85 12.96
N THR E 61 -17.76 25.53 13.60
CA THR E 61 -17.00 24.97 14.70
C THR E 61 -16.51 26.13 15.56
N GLU E 62 -17.22 26.37 16.65
CA GLU E 62 -16.91 27.44 17.60
C GLU E 62 -16.57 28.79 16.98
N GLU E 63 -15.28 29.04 16.77
CA GLU E 63 -14.81 30.29 16.20
C GLU E 63 -15.28 30.51 14.77
N HIS E 64 -15.21 29.45 13.97
CA HIS E 64 -15.58 29.51 12.55
C HIS E 64 -17.08 29.43 12.27
N ARG E 65 -17.56 30.37 11.46
CA ARG E 65 -18.97 30.42 11.08
C ARG E 65 -19.19 30.43 9.57
N LEU E 66 -20.35 29.95 9.15
CA LEU E 66 -20.69 29.91 7.74
C LEU E 66 -21.66 31.06 7.46
N VAL E 67 -21.13 32.13 6.87
CA VAL E 67 -21.94 33.29 6.57
C VAL E 67 -22.52 33.11 5.17
N TYR E 68 -23.81 33.41 5.01
CA TYR E 68 -24.46 33.22 3.73
C TYR E 68 -25.69 34.09 3.52
N ALA E 69 -26.08 34.22 2.25
CA ALA E 69 -27.26 34.99 1.87
C ALA E 69 -28.13 33.99 1.12
N VAL E 70 -29.42 34.26 1.03
CA VAL E 70 -30.30 33.34 0.33
C VAL E 70 -31.39 34.02 -0.50
N THR E 71 -31.68 33.42 -1.66
CA THR E 71 -32.72 33.91 -2.54
C THR E 71 -33.59 32.71 -2.86
N ASP E 72 -34.53 32.86 -3.78
CA ASP E 72 -35.41 31.76 -4.14
C ASP E 72 -34.67 30.68 -4.92
N ASP E 73 -33.47 31.01 -5.40
CA ASP E 73 -32.70 30.05 -6.18
C ASP E 73 -31.20 30.08 -5.91
N SER E 74 -30.73 31.07 -5.17
CA SER E 74 -29.31 31.18 -4.89
C SER E 74 -28.93 31.12 -3.42
N LEU E 75 -27.86 30.37 -3.14
CA LEU E 75 -27.34 30.22 -1.79
C LEU E 75 -25.89 30.69 -1.84
N LEU E 76 -25.67 31.98 -1.59
CA LEU E 76 -24.33 32.56 -1.62
C LEU E 76 -23.58 32.40 -0.30
N ILE E 77 -22.40 31.79 -0.37
CA ILE E 77 -21.56 31.57 0.80
C ILE E 77 -20.50 32.68 0.86
N ALA E 78 -20.69 33.63 1.78
CA ALA E 78 -19.78 34.76 1.94
C ALA E 78 -18.48 34.39 2.63
N ALA E 79 -18.52 33.37 3.48
CA ALA E 79 -17.32 32.95 4.20
C ALA E 79 -17.58 31.65 4.97
N CYS E 80 -16.50 30.93 5.27
CA CYS E 80 -16.60 29.68 6.02
C CYS E 80 -15.34 29.47 6.86
N ARG E 81 -14.67 30.57 7.21
CA ARG E 81 -13.47 30.51 8.01
C ARG E 81 -13.25 31.80 8.79
N TYR E 82 -12.81 31.65 10.03
CA TYR E 82 -12.53 32.78 10.91
C TYR E 82 -11.03 33.02 10.85
N HIS E 83 -10.64 34.24 10.50
CA HIS E 83 -9.22 34.58 10.42
C HIS E 83 -8.72 35.25 11.70
N TYR E 84 -7.67 34.68 12.27
CA TYR E 84 -7.09 35.25 13.50
C TYR E 84 -5.93 36.17 13.12
N MET F 1 -13.83 36.51 -9.21
CA MET F 1 -14.90 35.77 -9.91
C MET F 1 -15.62 34.79 -8.97
N LYS F 2 -16.94 34.86 -8.95
CA LYS F 2 -17.74 33.99 -8.09
C LYS F 2 -17.78 32.59 -8.69
N LEU F 3 -17.83 31.58 -7.83
CA LEU F 3 -17.90 30.19 -8.28
C LEU F 3 -19.31 29.68 -8.02
N ILE F 4 -19.99 29.29 -9.09
CA ILE F 4 -21.36 28.81 -9.00
C ILE F 4 -21.52 27.33 -9.36
N TRP F 5 -22.12 26.55 -8.47
CA TRP F 5 -22.35 25.13 -8.69
C TRP F 5 -23.85 24.84 -8.82
N SER F 6 -24.23 24.08 -9.84
CA SER F 6 -25.63 23.71 -9.99
C SER F 6 -25.84 22.62 -8.96
N GLU F 7 -27.09 22.37 -8.57
CA GLU F 7 -27.37 21.35 -7.58
C GLU F 7 -26.79 20.02 -8.06
N GLU F 8 -26.78 19.84 -9.38
CA GLU F 8 -26.24 18.62 -9.98
C GLU F 8 -24.71 18.55 -9.88
N SER F 9 -24.03 19.63 -10.22
CA SER F 9 -22.57 19.64 -10.18
C SER F 9 -22.02 19.56 -8.75
N TRP F 10 -22.70 20.19 -7.80
CA TRP F 10 -22.23 20.13 -6.42
C TRP F 10 -22.26 18.66 -5.98
N ASP F 11 -23.33 17.95 -6.32
CA ASP F 11 -23.44 16.54 -5.98
C ASP F 11 -22.30 15.74 -6.60
N ASP F 12 -21.93 16.10 -7.83
CA ASP F 12 -20.83 15.40 -8.49
C ASP F 12 -19.56 15.63 -7.66
N TYR F 13 -19.37 16.86 -7.23
CA TYR F 13 -18.19 17.23 -6.45
C TYR F 13 -18.18 16.51 -5.11
N LEU F 14 -19.31 16.53 -4.43
CA LEU F 14 -19.43 15.85 -3.15
C LEU F 14 -19.07 14.37 -3.34
N TYR F 15 -19.53 13.80 -4.46
CA TYR F 15 -19.28 12.41 -4.79
C TYR F 15 -17.78 12.12 -4.87
N TRP F 16 -17.04 13.01 -5.53
CA TRP F 16 -15.61 12.84 -5.67
C TRP F 16 -14.88 12.95 -4.33
N GLN F 17 -15.38 13.80 -3.45
CA GLN F 17 -14.77 13.98 -2.13
C GLN F 17 -14.78 12.66 -1.37
N GLU F 18 -15.86 11.89 -1.50
CA GLU F 18 -15.97 10.62 -0.82
C GLU F 18 -15.56 9.41 -1.65
N THR F 19 -15.15 9.65 -2.89
CA THR F 19 -14.75 8.55 -3.77
C THR F 19 -13.28 8.57 -4.19
N ASP F 20 -12.81 9.72 -4.65
CA ASP F 20 -11.42 9.84 -5.08
C ASP F 20 -10.92 11.27 -4.90
N LYS F 21 -10.12 11.47 -3.84
CA LYS F 21 -9.56 12.78 -3.51
C LYS F 21 -8.63 13.29 -4.61
N ARG F 22 -8.12 12.38 -5.44
CA ARG F 22 -7.23 12.76 -6.52
C ARG F 22 -8.03 13.52 -7.59
N ILE F 23 -9.28 13.12 -7.77
CA ILE F 23 -10.15 13.77 -8.75
C ILE F 23 -10.54 15.14 -8.23
N VAL F 24 -10.78 15.24 -6.93
CA VAL F 24 -11.15 16.51 -6.32
C VAL F 24 -10.03 17.51 -6.52
N LYS F 25 -8.79 17.06 -6.33
CA LYS F 25 -7.64 17.93 -6.50
C LYS F 25 -7.54 18.43 -7.95
N LYS F 26 -7.80 17.52 -8.89
CA LYS F 26 -7.75 17.83 -10.31
C LYS F 26 -8.78 18.91 -10.66
N ILE F 27 -10.00 18.74 -10.15
CA ILE F 27 -11.06 19.71 -10.38
C ILE F 27 -10.67 21.08 -9.82
N ASN F 28 -10.14 21.11 -8.60
CA ASN F 28 -9.72 22.36 -7.98
C ASN F 28 -8.67 23.06 -8.84
N GLU F 29 -7.70 22.28 -9.30
CA GLU F 29 -6.64 22.79 -10.15
C GLU F 29 -7.18 23.37 -11.46
N LEU F 30 -8.17 22.70 -12.03
CA LEU F 30 -8.77 23.16 -13.28
C LEU F 30 -9.52 24.47 -13.05
N ILE F 31 -10.23 24.55 -11.92
CA ILE F 31 -10.97 25.75 -11.57
C ILE F 31 -10.03 26.93 -11.37
N LYS F 32 -8.92 26.68 -10.68
CA LYS F 32 -7.94 27.74 -10.42
C LYS F 32 -7.32 28.24 -11.72
N ASP F 33 -7.04 27.32 -12.64
CA ASP F 33 -6.44 27.70 -13.91
C ASP F 33 -7.48 28.47 -14.74
N THR F 34 -8.74 28.03 -14.67
CA THR F 34 -9.81 28.68 -15.41
C THR F 34 -10.01 30.12 -14.92
N ARG F 35 -9.70 30.36 -13.65
CA ARG F 35 -9.83 31.71 -13.08
C ARG F 35 -8.81 32.64 -13.72
N ARG F 36 -7.61 32.14 -13.98
CA ARG F 36 -6.55 32.94 -14.60
C ARG F 36 -6.80 33.10 -16.10
N THR F 37 -7.04 31.98 -16.77
CA THR F 37 -7.29 31.98 -18.22
C THR F 37 -8.50 31.11 -18.52
N PRO F 38 -9.70 31.73 -18.55
CA PRO F 38 -10.99 31.09 -18.80
C PRO F 38 -11.05 30.10 -19.96
N PHE F 39 -10.41 30.43 -21.08
CA PHE F 39 -10.49 29.58 -22.26
C PHE F 39 -9.20 28.95 -22.77
N GLU F 40 -8.18 28.87 -21.91
CA GLU F 40 -6.91 28.27 -22.30
C GLU F 40 -6.28 27.58 -21.10
N GLY F 41 -5.30 26.72 -21.37
CA GLY F 41 -4.61 26.05 -20.27
C GLY F 41 -4.89 24.58 -20.06
N LYS F 42 -4.76 24.18 -18.81
CA LYS F 42 -4.95 22.79 -18.38
C LYS F 42 -6.29 22.18 -18.77
N GLY F 43 -6.24 20.91 -19.17
CA GLY F 43 -7.46 20.21 -19.55
C GLY F 43 -7.86 20.47 -20.98
N LYS F 44 -7.05 21.25 -21.69
CA LYS F 44 -7.30 21.58 -23.08
C LYS F 44 -8.74 22.01 -23.30
N PRO F 45 -9.12 23.18 -22.77
CA PRO F 45 -10.50 23.68 -22.92
C PRO F 45 -10.94 23.81 -24.37
N GLU F 46 -12.21 23.51 -24.61
CA GLU F 46 -12.78 23.62 -25.94
C GLU F 46 -14.26 23.95 -25.79
N PRO F 47 -14.80 24.76 -26.72
CA PRO F 47 -16.22 25.15 -26.68
C PRO F 47 -17.11 23.95 -26.96
N LEU F 48 -18.25 23.88 -26.29
CA LEU F 48 -19.18 22.79 -26.53
C LEU F 48 -20.30 23.31 -27.42
N LYS F 49 -20.91 22.42 -28.19
CA LYS F 49 -21.99 22.80 -29.10
C LYS F 49 -23.29 22.10 -28.72
N HIS F 50 -24.25 22.11 -29.66
CA HIS F 50 -25.53 21.46 -29.42
C HIS F 50 -26.26 22.14 -28.26
N ASN F 51 -26.87 21.32 -27.40
CA ASN F 51 -27.63 21.83 -26.26
C ASN F 51 -26.72 22.46 -25.20
N LEU F 52 -25.41 22.26 -25.33
CA LEU F 52 -24.48 22.83 -24.37
C LEU F 52 -23.78 24.07 -24.91
N SER F 53 -24.36 24.68 -25.93
CA SER F 53 -23.78 25.88 -26.53
C SER F 53 -23.63 26.93 -25.43
N GLY F 54 -22.45 27.52 -25.33
CA GLY F 54 -22.21 28.51 -24.31
C GLY F 54 -21.32 27.96 -23.21
N PHE F 55 -21.15 26.64 -23.19
CA PHE F 55 -20.31 26.02 -22.18
C PHE F 55 -19.00 25.55 -22.76
N TRP F 56 -18.06 25.30 -21.87
CA TRP F 56 -16.73 24.81 -22.24
C TRP F 56 -16.46 23.52 -21.51
N SER F 57 -15.48 22.77 -22.01
CA SER F 57 -15.14 21.50 -21.40
C SER F 57 -13.65 21.29 -21.27
N ARG F 58 -13.22 20.96 -20.05
CA ARG F 58 -11.82 20.69 -19.78
C ARG F 58 -11.73 19.25 -19.29
N ARG F 59 -10.64 18.57 -19.63
CA ARG F 59 -10.44 17.18 -19.26
C ARG F 59 -9.97 16.94 -17.84
N ILE F 60 -10.73 16.14 -17.09
CA ILE F 60 -10.35 15.80 -15.72
C ILE F 60 -9.58 14.48 -15.90
N THR F 61 -10.26 13.51 -16.50
CA THR F 61 -9.66 12.21 -16.82
C THR F 61 -10.20 11.86 -18.20
N GLU F 62 -9.88 10.67 -18.69
CA GLU F 62 -10.37 10.26 -20.00
C GLU F 62 -11.89 10.22 -20.06
N GLU F 63 -12.54 9.77 -19.00
CA GLU F 63 -13.99 9.67 -18.99
C GLU F 63 -14.71 10.72 -18.14
N HIS F 64 -13.98 11.71 -17.63
CA HIS F 64 -14.62 12.73 -16.82
C HIS F 64 -14.21 14.13 -17.26
N ARG F 65 -15.20 15.01 -17.39
CA ARG F 65 -14.95 16.37 -17.83
C ARG F 65 -15.59 17.42 -16.94
N LEU F 66 -14.95 18.59 -16.90
CA LEU F 66 -15.43 19.72 -16.13
C LEU F 66 -16.16 20.61 -17.14
N VAL F 67 -17.48 20.71 -17.02
CA VAL F 67 -18.27 21.53 -17.93
C VAL F 67 -18.58 22.84 -17.22
N TYR F 68 -18.22 23.95 -17.85
CA TYR F 68 -18.43 25.26 -17.24
C TYR F 68 -18.76 26.37 -18.23
N ALA F 69 -19.20 27.49 -17.68
CA ALA F 69 -19.52 28.67 -18.46
C ALA F 69 -18.91 29.86 -17.72
N VAL F 70 -18.46 30.86 -18.47
CA VAL F 70 -17.88 32.04 -17.85
C VAL F 70 -18.67 33.28 -18.23
N THR F 71 -19.14 33.99 -17.21
CA THR F 71 -19.91 35.21 -17.42
C THR F 71 -19.07 36.32 -16.84
N ASP F 72 -19.63 37.51 -16.77
CA ASP F 72 -18.93 38.62 -16.18
C ASP F 72 -18.91 38.31 -14.67
N ASP F 73 -17.72 38.33 -14.08
CA ASP F 73 -17.57 38.04 -12.65
C ASP F 73 -18.20 36.74 -12.17
N SER F 74 -18.28 35.72 -13.02
CA SER F 74 -18.88 34.46 -12.60
C SER F 74 -18.49 33.21 -13.39
N LEU F 75 -18.07 32.17 -12.66
CA LEU F 75 -17.68 30.88 -13.24
C LEU F 75 -18.73 29.85 -12.83
N LEU F 76 -19.50 29.38 -13.81
CA LEU F 76 -20.56 28.41 -13.57
C LEU F 76 -20.19 26.97 -13.93
N ILE F 77 -20.20 26.11 -12.92
CA ILE F 77 -19.88 24.69 -13.12
C ILE F 77 -21.17 23.93 -13.41
N ALA F 78 -21.26 23.30 -14.57
CA ALA F 78 -22.45 22.54 -14.91
C ALA F 78 -22.30 21.07 -14.55
N ALA F 79 -21.06 20.59 -14.53
CA ALA F 79 -20.79 19.19 -14.21
C ALA F 79 -19.29 18.91 -14.06
N CYS F 80 -18.97 17.91 -13.26
CA CYS F 80 -17.58 17.51 -13.06
C CYS F 80 -17.50 15.98 -12.97
N ARG F 81 -18.38 15.32 -13.72
CA ARG F 81 -18.42 13.87 -13.75
C ARG F 81 -18.94 13.44 -15.12
N TYR F 82 -18.24 12.49 -15.75
CA TYR F 82 -18.60 12.01 -17.08
C TYR F 82 -18.30 13.10 -18.11
N HIS F 83 -19.04 13.12 -19.21
CA HIS F 83 -18.83 14.13 -20.25
C HIS F 83 -19.82 15.29 -20.20
N TYR F 84 -20.98 15.06 -19.58
CA TYR F 84 -22.01 16.08 -19.50
C TYR F 84 -22.70 16.07 -18.14
MG MG G . -7.39 -29.15 -21.02
MG MG H . 18.50 -15.08 30.77
#